data_9F4O
#
_entry.id   9F4O
#
_cell.length_a   37.864
_cell.length_b   43.968
_cell.length_c   56.083
_cell.angle_alpha   90.000
_cell.angle_beta   94.640
_cell.angle_gamma   90.000
#
_symmetry.space_group_name_H-M   'P 1 21 1'
#
loop_
_entity.id
_entity.type
_entity.pdbx_description
1 polymer 'Heterogeneous nuclear ribonucleoprotein A1, N-terminally processed'
2 non-polymer (3~{R})-3-methyl-1-(6-methylpyridin-2-yl)piperazine
3 water water
#
_entity_poly.entity_id   1
_entity_poly.type   'polypeptide(L)'
_entity_poly.pdbx_seq_one_letter_code
;GPMGSKSESPKEPEQLRKLFIGGLSFETTDESLRSHFEQWGTLTDCVVMRDPNTKRSRGFGFVTYATVEEVDAAMNARPH
KVDGRVVEPKRAVSREDSQRPGAHLTVKKIFVGGIKEDTEEHHLRDYFEQYGKIEVIEIMTDRGSGKKRGFAFVTFDDHD
SVDKIVIQKYHTVNGHNCEVRKALSKQEMASASSSQRG
;
_entity_poly.pdbx_strand_id   A
#
# COMPACT_ATOMS: atom_id res chain seq x y z
N PRO A 10 -14.40 13.86 12.35
CA PRO A 10 -14.29 13.62 10.90
C PRO A 10 -13.52 12.33 10.62
N LYS A 11 -14.23 11.29 10.17
CA LYS A 11 -13.62 10.01 9.93
C LYS A 11 -12.94 10.02 8.56
N GLU A 12 -11.77 9.37 8.48
CA GLU A 12 -11.14 9.16 7.18
C GLU A 12 -12.13 8.45 6.26
N PRO A 13 -12.08 8.72 4.95
CA PRO A 13 -12.92 7.98 4.01
C PRO A 13 -12.79 6.48 4.18
N GLU A 14 -13.94 5.80 4.16
CA GLU A 14 -14.00 4.36 4.37
C GLU A 14 -13.09 3.60 3.41
N GLN A 15 -12.97 4.05 2.17
CA GLN A 15 -12.11 3.36 1.21
C GLN A 15 -10.68 3.23 1.71
N LEU A 16 -10.20 4.19 2.48
CA LEU A 16 -8.84 4.19 2.99
C LEU A 16 -8.70 3.36 4.26
N ARG A 17 -9.79 2.81 4.76
CA ARG A 17 -9.79 2.02 5.99
C ARG A 17 -10.01 0.53 5.72
N LYS A 18 -10.08 0.14 4.45
CA LYS A 18 -10.37 -1.24 4.06
C LYS A 18 -9.08 -1.99 3.79
N LEU A 19 -9.08 -3.28 4.09
CA LEU A 19 -8.07 -4.19 3.58
C LEU A 19 -8.74 -5.33 2.84
N PHE A 20 -8.29 -5.56 1.61
CA PHE A 20 -8.57 -6.80 0.91
C PHE A 20 -7.69 -7.87 1.55
N ILE A 21 -8.25 -9.02 1.85
CA ILE A 21 -7.50 -10.13 2.42
C ILE A 21 -7.57 -11.27 1.42
N GLY A 22 -6.49 -11.50 0.67
CA GLY A 22 -6.46 -12.58 -0.29
C GLY A 22 -5.87 -13.86 0.28
N GLY A 23 -6.13 -14.97 -0.41
CA GLY A 23 -5.53 -16.22 -0.04
C GLY A 23 -6.14 -16.88 1.20
N LEU A 24 -7.41 -16.62 1.48
CA LEU A 24 -8.02 -17.19 2.66
C LEU A 24 -8.15 -18.70 2.57
N SER A 25 -8.02 -19.35 3.72
CA SER A 25 -8.54 -20.70 3.84
C SER A 25 -10.04 -20.70 3.53
N PHE A 26 -10.48 -21.72 2.78
CA PHE A 26 -11.92 -21.85 2.51
C PHE A 26 -12.71 -22.08 3.79
N GLU A 27 -12.05 -22.42 4.89
CA GLU A 27 -12.75 -22.57 6.15
C GLU A 27 -12.89 -21.27 6.93
N THR A 28 -12.22 -20.19 6.51
CA THR A 28 -12.37 -18.91 7.18
C THR A 28 -13.80 -18.37 6.98
N THR A 29 -14.36 -17.84 8.07
CA THR A 29 -15.70 -17.30 8.08
C THR A 29 -15.65 -15.82 8.45
N ASP A 30 -16.79 -15.12 8.29
CA ASP A 30 -16.85 -13.73 8.75
C ASP A 30 -16.37 -13.65 10.18
N GLU A 31 -16.75 -14.62 11.01
CA GLU A 31 -16.45 -14.58 12.43
C GLU A 31 -14.97 -14.82 12.69
N SER A 32 -14.37 -15.79 12.00
CA SER A 32 -12.97 -16.08 12.27
C SER A 32 -12.05 -15.03 11.67
N LEU A 33 -12.43 -14.44 10.52
CA LEU A 33 -11.65 -13.34 9.96
C LEU A 33 -11.71 -12.14 10.90
N ARG A 34 -12.89 -11.85 11.45
CA ARG A 34 -13.03 -10.75 12.40
C ARG A 34 -12.22 -11.01 13.66
N SER A 35 -12.36 -12.21 14.24
CA SER A 35 -11.62 -12.51 15.46
C SER A 35 -10.14 -12.27 15.25
N HIS A 36 -9.61 -12.67 14.10
CA HIS A 36 -8.19 -12.46 13.84
C HIS A 36 -7.86 -10.97 13.74
N PHE A 37 -8.54 -10.25 12.84
CA PHE A 37 -8.12 -8.89 12.53
C PHE A 37 -8.51 -7.87 13.60
N GLU A 38 -9.46 -8.20 14.50
CA GLU A 38 -9.70 -7.29 15.62
C GLU A 38 -8.52 -7.16 16.56
N GLN A 39 -7.50 -8.00 16.43
CA GLN A 39 -6.33 -7.79 17.27
C GLN A 39 -5.65 -6.46 17.01
N TRP A 40 -5.86 -5.84 15.84
CA TRP A 40 -5.17 -4.61 15.48
C TRP A 40 -6.08 -3.40 15.39
N GLY A 41 -7.34 -3.54 15.75
CA GLY A 41 -8.21 -2.38 15.73
C GLY A 41 -9.67 -2.77 15.73
N THR A 42 -10.51 -1.74 15.88
CA THR A 42 -11.96 -1.91 15.79
C THR A 42 -12.34 -2.14 14.33
N LEU A 43 -13.08 -3.21 14.08
CA LEU A 43 -13.56 -3.54 12.74
C LEU A 43 -15.02 -3.11 12.60
N THR A 44 -15.27 -2.14 11.72
CA THR A 44 -16.64 -1.73 11.42
C THR A 44 -17.32 -2.63 10.40
N ASP A 45 -16.55 -3.46 9.69
CA ASP A 45 -17.10 -4.43 8.75
C ASP A 45 -16.07 -5.53 8.54
N CYS A 46 -16.56 -6.72 8.21
CA CYS A 46 -15.70 -7.89 7.99
C CYS A 46 -16.50 -8.94 7.25
N VAL A 47 -16.08 -9.29 6.03
CA VAL A 47 -16.85 -10.22 5.20
C VAL A 47 -15.91 -11.16 4.44
N VAL A 48 -16.30 -12.43 4.38
CA VAL A 48 -15.67 -13.40 3.49
C VAL A 48 -16.53 -13.46 2.23
N MET A 49 -15.90 -13.31 1.08
CA MET A 49 -16.64 -13.42 -0.18
C MET A 49 -16.93 -14.89 -0.48
N ARG A 50 -18.18 -15.17 -0.87
CA ARG A 50 -18.63 -16.52 -1.14
C ARG A 50 -19.39 -16.59 -2.46
N ASP A 51 -19.43 -17.78 -3.03
CA ASP A 51 -20.26 -18.00 -4.21
C ASP A 51 -21.72 -17.80 -3.85
N PRO A 52 -22.51 -17.13 -4.71
CA PRO A 52 -23.92 -16.86 -4.36
C PRO A 52 -24.78 -18.10 -4.31
N ASN A 53 -24.42 -19.18 -5.00
CA ASN A 53 -25.23 -20.40 -5.02
C ASN A 53 -24.70 -21.46 -4.05
N THR A 54 -23.41 -21.73 -4.06
CA THR A 54 -22.85 -22.83 -3.28
C THR A 54 -22.47 -22.42 -1.88
N LYS A 55 -22.31 -21.12 -1.61
CA LYS A 55 -21.76 -20.58 -0.37
C LYS A 55 -20.31 -20.94 -0.15
N ARG A 56 -19.66 -21.59 -1.11
CA ARG A 56 -18.25 -21.91 -0.96
C ARG A 56 -17.43 -20.64 -1.07
N SER A 57 -16.45 -20.51 -0.16
CA SER A 57 -15.57 -19.35 -0.16
C SER A 57 -14.92 -19.11 -1.50
N ARG A 58 -14.83 -17.83 -1.87
CA ARG A 58 -14.05 -17.42 -3.03
C ARG A 58 -12.57 -17.25 -2.68
N GLY A 59 -12.19 -17.47 -1.43
CA GLY A 59 -10.79 -17.37 -1.09
C GLY A 59 -10.29 -15.97 -0.78
N PHE A 60 -11.18 -14.99 -0.66
CA PHE A 60 -10.76 -13.65 -0.28
C PHE A 60 -11.91 -13.00 0.49
N GLY A 61 -11.56 -11.93 1.19
CA GLY A 61 -12.53 -11.17 1.96
C GLY A 61 -12.02 -9.77 2.19
N PHE A 62 -12.73 -9.05 3.05
CA PHE A 62 -12.38 -7.67 3.33
C PHE A 62 -12.65 -7.38 4.79
N VAL A 63 -11.80 -6.56 5.37
CA VAL A 63 -12.05 -6.01 6.69
C VAL A 63 -11.98 -4.49 6.59
N THR A 64 -12.76 -3.80 7.40
CA THR A 64 -12.76 -2.35 7.43
C THR A 64 -12.51 -1.91 8.86
N TYR A 65 -11.45 -1.16 9.08
CA TYR A 65 -11.11 -0.64 10.40
C TYR A 65 -11.74 0.72 10.62
N ALA A 66 -11.78 1.14 11.88
CA ALA A 66 -12.31 2.45 12.23
C ALA A 66 -11.38 3.59 11.85
N THR A 67 -10.07 3.34 11.74
CA THR A 67 -9.11 4.39 11.44
C THR A 67 -7.99 3.86 10.54
N VAL A 68 -7.34 4.80 9.85
CA VAL A 68 -6.18 4.47 9.03
C VAL A 68 -5.02 3.94 9.87
N GLU A 69 -4.82 4.51 11.08
CA GLU A 69 -3.75 3.98 11.93
C GLU A 69 -3.96 2.50 12.25
N GLU A 70 -5.20 2.04 12.35
CA GLU A 70 -5.45 0.63 12.56
C GLU A 70 -5.10 -0.20 11.34
N VAL A 71 -5.39 0.30 10.13
CA VAL A 71 -4.93 -0.37 8.92
C VAL A 71 -3.42 -0.53 8.97
N ASP A 72 -2.72 0.55 9.31
CA ASP A 72 -1.26 0.50 9.39
C ASP A 72 -0.82 -0.56 10.39
N ALA A 73 -1.45 -0.61 11.57
CA ALA A 73 -1.07 -1.60 12.57
C ALA A 73 -1.26 -3.00 12.04
N ALA A 74 -2.36 -3.25 11.33
CA ALA A 74 -2.56 -4.57 10.76
C ALA A 74 -1.50 -4.89 9.72
N MET A 75 -1.19 -3.92 8.86
CA MET A 75 -0.18 -4.19 7.84
C MET A 75 1.20 -4.40 8.48
N ASN A 76 1.49 -3.67 9.55
CA ASN A 76 2.79 -3.83 10.21
C ASN A 76 2.90 -5.16 10.94
N ALA A 77 1.79 -5.86 11.17
CA ALA A 77 1.78 -7.15 11.83
C ALA A 77 1.82 -8.32 10.86
N ARG A 78 1.94 -8.06 9.56
CA ARG A 78 2.18 -9.15 8.62
C ARG A 78 3.50 -9.83 8.95
N PRO A 79 3.66 -11.12 8.61
CA PRO A 79 2.68 -11.95 7.89
C PRO A 79 1.56 -12.41 8.80
N HIS A 80 0.35 -12.46 8.25
CA HIS A 80 -0.83 -12.94 8.98
C HIS A 80 -1.15 -14.37 8.59
N LYS A 81 -1.14 -15.27 9.56
CA LYS A 81 -1.59 -16.63 9.37
C LYS A 81 -2.99 -16.73 9.99
N VAL A 82 -3.99 -16.88 9.12
CA VAL A 82 -5.39 -16.84 9.51
C VAL A 82 -5.94 -18.23 9.28
N ASP A 83 -6.41 -18.88 10.34
CA ASP A 83 -6.96 -20.22 10.22
C ASP A 83 -5.99 -21.17 9.50
N GLY A 84 -4.70 -21.01 9.78
CA GLY A 84 -3.70 -21.93 9.29
C GLY A 84 -3.06 -21.57 7.97
N ARG A 85 -3.44 -20.46 7.34
CA ARG A 85 -2.95 -20.10 6.02
C ARG A 85 -2.44 -18.67 6.04
N VAL A 86 -1.28 -18.43 5.43
CA VAL A 86 -0.75 -17.08 5.33
C VAL A 86 -1.52 -16.34 4.24
N VAL A 87 -2.15 -15.23 4.63
CA VAL A 87 -3.02 -14.48 3.75
C VAL A 87 -2.26 -13.29 3.17
N GLU A 88 -2.91 -12.57 2.25
CA GLU A 88 -2.27 -11.47 1.53
C GLU A 88 -3.11 -10.21 1.66
N PRO A 89 -2.83 -9.39 2.66
CA PRO A 89 -3.61 -8.15 2.83
C PRO A 89 -3.09 -7.05 1.92
N LYS A 90 -4.02 -6.25 1.39
CA LYS A 90 -3.66 -5.10 0.57
C LYS A 90 -4.66 -3.98 0.83
N ARG A 91 -4.17 -2.75 0.89
CA ARG A 91 -5.02 -1.57 1.03
C ARG A 91 -5.34 -0.99 -0.35
N ALA A 92 -6.41 -0.22 -0.42
CA ALA A 92 -6.88 0.33 -1.72
C ALA A 92 -6.09 1.56 -2.16
N VAL A 93 -5.95 1.67 -3.47
CA VAL A 93 -5.31 2.88 -4.04
C VAL A 93 -6.24 3.39 -5.17
N SER A 94 -5.96 4.58 -5.67
CA SER A 94 -6.82 5.21 -6.71
C SER A 94 -6.63 4.55 -8.08
N ARG A 95 -7.58 4.79 -8.99
CA ARG A 95 -7.50 4.22 -10.35
C ARG A 95 -6.23 4.72 -11.07
N GLU A 96 -5.80 5.92 -10.73
CA GLU A 96 -4.60 6.51 -11.38
C GLU A 96 -3.36 5.64 -11.09
N ASP A 97 -3.37 4.92 -9.96
CA ASP A 97 -2.25 3.99 -9.63
C ASP A 97 -2.67 2.55 -9.90
N SER A 98 -3.60 2.36 -10.82
CA SER A 98 -4.06 1.00 -11.20
C SER A 98 -3.92 0.85 -12.71
N GLN A 99 -3.89 -0.38 -13.18
CA GLN A 99 -3.77 -0.62 -14.64
C GLN A 99 -5.17 -0.88 -15.22
N ARG A 100 -6.13 -1.23 -14.36
CA ARG A 100 -7.53 -1.42 -14.81
C ARG A 100 -8.46 -1.26 -13.60
N PRO A 101 -9.74 -0.91 -13.80
CA PRO A 101 -10.64 -0.72 -12.68
C PRO A 101 -10.77 -1.97 -11.85
N GLY A 102 -10.67 -1.79 -10.54
CA GLY A 102 -10.87 -2.89 -9.63
C GLY A 102 -9.67 -3.79 -9.43
N ALA A 103 -8.54 -3.49 -10.07
CA ALA A 103 -7.34 -4.30 -9.91
C ALA A 103 -6.28 -3.50 -9.16
N HIS A 104 -5.51 -4.20 -8.33
CA HIS A 104 -4.42 -3.63 -7.58
C HIS A 104 -3.12 -3.89 -8.35
N LEU A 105 -2.36 -2.82 -8.58
CA LEU A 105 -1.05 -2.90 -9.22
C LEU A 105 -0.03 -3.02 -8.10
N THR A 106 0.32 -4.25 -7.74
CA THR A 106 1.10 -4.50 -6.53
C THR A 106 2.58 -4.41 -6.84
N VAL A 107 3.16 -3.23 -6.61
CA VAL A 107 4.56 -2.99 -6.96
C VAL A 107 5.29 -2.38 -5.77
N LYS A 108 6.62 -2.39 -5.87
CA LYS A 108 7.49 -1.95 -4.79
C LYS A 108 8.27 -0.70 -5.14
N LYS A 109 8.00 -0.09 -6.29
CA LYS A 109 8.81 1.02 -6.78
C LYS A 109 7.92 2.22 -7.09
N ILE A 110 8.43 3.41 -6.81
CA ILE A 110 7.74 4.66 -7.14
C ILE A 110 8.61 5.52 -8.04
N PHE A 111 7.92 6.29 -8.90
CA PHE A 111 8.49 7.42 -9.61
C PHE A 111 8.25 8.65 -8.74
N VAL A 112 9.26 9.49 -8.61
CA VAL A 112 9.18 10.75 -7.87
C VAL A 112 9.62 11.85 -8.83
N GLY A 113 8.68 12.70 -9.25
CA GLY A 113 8.99 13.77 -10.17
C GLY A 113 8.92 15.13 -9.52
N GLY A 114 9.55 16.12 -10.14
CA GLY A 114 9.49 17.49 -9.66
C GLY A 114 10.57 17.85 -8.66
N ILE A 115 11.62 17.03 -8.54
CA ILE A 115 12.66 17.27 -7.54
C ILE A 115 13.77 18.19 -8.05
N LYS A 116 13.73 18.58 -9.33
CA LYS A 116 14.71 19.50 -9.91
C LYS A 116 16.16 19.04 -9.74
N GLU A 117 17.10 19.97 -9.78
CA GLU A 117 18.51 19.59 -9.80
C GLU A 117 19.17 19.63 -8.44
N ASP A 118 18.50 20.13 -7.40
CA ASP A 118 19.16 20.31 -6.11
C ASP A 118 18.79 19.23 -5.10
N THR A 119 17.97 18.26 -5.47
CA THR A 119 17.57 17.21 -4.57
C THR A 119 18.55 16.03 -4.66
N GLU A 120 18.99 15.54 -3.51
CA GLU A 120 20.00 14.51 -3.37
C GLU A 120 19.40 13.24 -2.78
N GLU A 121 20.19 12.17 -2.82
CA GLU A 121 19.73 10.88 -2.32
C GLU A 121 19.26 10.97 -0.87
N HIS A 122 19.99 11.72 -0.04
CA HIS A 122 19.63 11.77 1.38
C HIS A 122 18.29 12.46 1.60
N HIS A 123 17.94 13.43 0.75
CA HIS A 123 16.62 14.06 0.85
C HIS A 123 15.53 13.02 0.62
N LEU A 124 15.70 12.17 -0.38
CA LEU A 124 14.70 11.16 -0.68
C LEU A 124 14.67 10.10 0.41
N ARG A 125 15.84 9.69 0.89
CA ARG A 125 15.90 8.68 1.94
C ARG A 125 15.24 9.18 3.23
N ASP A 126 15.62 10.38 3.68
CA ASP A 126 15.08 10.90 4.93
C ASP A 126 13.57 11.03 4.86
N TYR A 127 13.03 11.39 3.69
CA TYR A 127 11.59 11.55 3.57
C TYR A 127 10.88 10.21 3.46
N PHE A 128 11.35 9.33 2.57
CA PHE A 128 10.56 8.13 2.27
C PHE A 128 10.79 7.00 3.26
N GLU A 129 11.86 7.04 4.07
CA GLU A 129 12.14 5.91 4.97
C GLU A 129 11.05 5.68 6.00
N GLN A 130 10.23 6.69 6.28
CA GLN A 130 9.14 6.47 7.22
C GLN A 130 7.94 5.80 6.61
N TYR A 131 7.94 5.57 5.31
CA TYR A 131 6.91 4.78 4.67
C TYR A 131 7.26 3.31 4.55
N GLY A 132 8.55 2.97 4.57
CA GLY A 132 8.96 1.60 4.48
C GLY A 132 10.46 1.50 4.32
N LYS A 133 10.92 0.26 4.29
CA LYS A 133 12.35 -0.01 4.16
C LYS A 133 12.79 0.21 2.71
N ILE A 134 13.72 1.12 2.51
CA ILE A 134 14.20 1.45 1.17
C ILE A 134 15.33 0.52 0.78
N GLU A 135 15.27 -0.02 -0.43
CA GLU A 135 16.35 -0.83 -0.98
C GLU A 135 17.16 -0.12 -2.05
N VAL A 136 16.55 0.72 -2.88
CA VAL A 136 17.25 1.41 -3.95
C VAL A 136 16.72 2.82 -4.08
N ILE A 137 17.62 3.79 -4.22
CA ILE A 137 17.27 5.15 -4.63
C ILE A 137 18.07 5.45 -5.89
N GLU A 138 17.37 5.80 -6.96
CA GLU A 138 18.01 6.11 -8.23
C GLU A 138 17.62 7.52 -8.64
N ILE A 139 18.52 8.49 -8.43
CA ILE A 139 18.34 9.83 -8.97
C ILE A 139 18.74 9.82 -10.44
N MET A 140 17.84 10.26 -11.29
CA MET A 140 18.02 10.11 -12.73
C MET A 140 18.89 11.25 -13.23
N THR A 141 19.86 10.92 -14.07
CA THR A 141 20.76 11.90 -14.65
C THR A 141 20.78 11.73 -16.15
N ASP A 142 21.16 12.79 -16.84
CA ASP A 142 21.16 12.79 -18.28
C ASP A 142 22.27 11.89 -18.83
N ARG A 143 21.89 11.05 -19.81
CA ARG A 143 22.80 10.09 -20.39
C ARG A 143 24.01 10.75 -21.02
N GLY A 144 23.84 11.97 -21.55
CA GLY A 144 24.93 12.64 -22.22
C GLY A 144 25.77 13.52 -21.31
N SER A 145 25.12 14.29 -20.43
CA SER A 145 25.80 15.32 -19.65
C SER A 145 26.02 14.96 -18.19
N GLY A 146 25.29 13.96 -17.68
CA GLY A 146 25.33 13.65 -16.27
C GLY A 146 24.54 14.60 -15.39
N LYS A 147 23.89 15.62 -15.96
CA LYS A 147 23.11 16.54 -15.16
C LYS A 147 21.85 15.85 -14.63
N LYS A 148 21.43 16.26 -13.44
CA LYS A 148 20.23 15.69 -12.86
C LYS A 148 19.02 16.10 -13.67
N ARG A 149 18.13 15.13 -13.92
CA ARG A 149 16.96 15.38 -14.76
C ARG A 149 15.73 15.81 -13.98
N GLY A 150 15.77 15.78 -12.66
CA GLY A 150 14.63 16.23 -11.88
C GLY A 150 13.63 15.16 -11.53
N PHE A 151 14.03 13.89 -11.58
CA PHE A 151 13.15 12.81 -11.12
C PHE A 151 14.00 11.65 -10.62
N ALA A 152 13.35 10.75 -9.88
CA ALA A 152 14.02 9.65 -9.23
C ALA A 152 13.07 8.47 -9.12
N PHE A 153 13.64 7.30 -8.85
CA PHE A 153 12.87 6.13 -8.48
C PHE A 153 13.34 5.63 -7.12
N VAL A 154 12.38 5.22 -6.30
CA VAL A 154 12.67 4.64 -4.99
C VAL A 154 12.04 3.25 -4.96
N THR A 155 12.83 2.26 -4.59
CA THR A 155 12.36 0.88 -4.46
C THR A 155 12.38 0.48 -3.00
N PHE A 156 11.25 -0.05 -2.53
CA PHE A 156 11.07 -0.50 -1.15
C PHE A 156 11.09 -2.02 -1.10
N ASP A 157 11.15 -2.56 0.12
CA ASP A 157 11.12 -4.02 0.25
C ASP A 157 9.71 -4.60 0.19
N ASP A 158 8.69 -3.77 0.07
CA ASP A 158 7.32 -4.27 0.18
C ASP A 158 6.36 -3.24 -0.41
N HIS A 159 5.24 -3.74 -0.92
CA HIS A 159 4.31 -2.91 -1.68
C HIS A 159 3.49 -1.96 -0.80
N ASP A 160 3.34 -2.24 0.50
CA ASP A 160 2.46 -1.39 1.29
C ASP A 160 3.01 0.02 1.43
N SER A 161 4.34 0.16 1.50
N SER A 161 4.34 0.16 1.50
CA SER A 161 4.97 1.47 1.49
CA SER A 161 4.96 1.48 1.49
C SER A 161 4.49 2.29 0.29
C SER A 161 4.50 2.30 0.30
N VAL A 162 4.54 1.68 -0.90
CA VAL A 162 4.11 2.35 -2.11
C VAL A 162 2.63 2.71 -2.04
N ASP A 163 1.79 1.78 -1.57
CA ASP A 163 0.36 2.06 -1.48
C ASP A 163 0.09 3.24 -0.55
N LYS A 164 0.75 3.28 0.61
CA LYS A 164 0.58 4.43 1.50
C LYS A 164 1.02 5.73 0.84
N ILE A 165 2.12 5.67 0.07
CA ILE A 165 2.66 6.87 -0.55
C ILE A 165 1.71 7.44 -1.60
N VAL A 166 1.21 6.59 -2.50
CA VAL A 166 0.48 7.11 -3.65
C VAL A 166 -0.92 7.58 -3.30
N ILE A 167 -1.44 7.24 -2.13
CA ILE A 167 -2.76 7.74 -1.74
C ILE A 167 -2.70 9.09 -1.04
N GLN A 168 -1.53 9.55 -0.63
CA GLN A 168 -1.42 10.91 -0.10
C GLN A 168 -1.68 11.93 -1.20
N LYS A 169 -2.35 13.03 -0.85
CA LYS A 169 -2.55 14.11 -1.83
C LYS A 169 -1.27 14.85 -2.16
N TYR A 170 -0.32 14.94 -1.22
CA TYR A 170 0.83 15.82 -1.34
C TYR A 170 2.08 15.10 -0.88
N HIS A 171 3.20 15.41 -1.52
CA HIS A 171 4.53 15.03 -1.05
C HIS A 171 5.46 16.21 -1.26
N THR A 172 6.09 16.66 -0.19
CA THR A 172 7.04 17.77 -0.25
C THR A 172 8.40 17.21 0.11
N VAL A 173 9.32 17.24 -0.86
CA VAL A 173 10.66 16.69 -0.71
C VAL A 173 11.65 17.80 -1.06
N ASN A 174 12.50 18.17 -0.09
CA ASN A 174 13.49 19.22 -0.31
C ASN A 174 12.82 20.52 -0.77
N GLY A 175 11.65 20.81 -0.20
CA GLY A 175 10.92 22.02 -0.52
C GLY A 175 10.11 21.96 -1.80
N HIS A 176 10.19 20.87 -2.56
CA HIS A 176 9.52 20.77 -3.85
C HIS A 176 8.21 20.00 -3.69
N ASN A 177 7.16 20.51 -4.33
CA ASN A 177 5.89 19.78 -4.47
C ASN A 177 6.08 18.70 -5.54
N CYS A 178 6.05 17.43 -5.11
CA CYS A 178 6.44 16.32 -5.98
C CYS A 178 5.24 15.54 -6.49
N GLU A 179 5.40 14.99 -7.69
CA GLU A 179 4.46 14.03 -8.26
C GLU A 179 5.00 12.63 -8.01
N VAL A 180 4.19 11.79 -7.40
CA VAL A 180 4.64 10.46 -7.04
C VAL A 180 3.64 9.45 -7.58
N ARG A 181 4.13 8.44 -8.31
CA ARG A 181 3.27 7.42 -8.85
C ARG A 181 3.94 6.06 -8.78
N LYS A 182 3.12 5.01 -8.86
CA LYS A 182 3.64 3.65 -8.99
C LYS A 182 4.46 3.50 -10.27
N ALA A 183 5.56 2.77 -10.18
CA ALA A 183 6.45 2.55 -11.32
C ALA A 183 6.56 1.07 -11.64
N LEU A 184 6.50 0.77 -12.94
CA LEU A 184 6.49 -0.59 -13.50
C LEU A 184 5.60 -1.57 -12.74
#